data_6HRP
#
_entry.id   6HRP
#
_cell.length_a   71.805
_cell.length_b   106.969
_cell.length_c   38.299
_cell.angle_alpha   90.00
_cell.angle_beta   90.00
_cell.angle_gamma   90.00
#
_symmetry.space_group_name_H-M   'P 21 21 2'
#
loop_
_entity.id
_entity.type
_entity.pdbx_description
1 polymer 'Tyrosine-protein kinase BTK'
2 non-polymer 6-~{tert}-butyl-8-fluoranyl-2-[2-(hydroxymethyl)-3-[1-methyl-5-[(5-morpholin-4-ylcarbonylpyridin-2-yl)amino]-6-oxidanylidene-pyridazin-3-yl]phenyl]phthalazin-1-one
3 water water
#
_entity_poly.entity_id   1
_entity_poly.type   'polypeptide(L)'
_entity_poly.pdbx_seq_one_letter_code
;GSQQNKNAPSTAGLGYGSWEIDPKDLTFLKELGTGQFGVVKYGKWRGQYDVAIKMIKEGSMSEDEFIEEAKVMMNLSHEK
LVQLYGVCTKQRPIFIITEYMANGCLLNYLREARHAFQTQQLLEMCKDVCEAMEYLESKQFLHRDLAARNCLVNDQGVVK
VSDFGLSRYVLDDEYTSSVGSKFPVRWSPPEVLMYSKFSSKSDIWAFGVLMWEIYSLGKMPYERFTNSETAEHIAQGLRL
YRPHLASAAVYTIMYSCWHEKADERPTFKILLSNILDVMDEES
;
_entity_poly.pdbx_strand_id   A
#
loop_
_chem_comp.id
_chem_comp.type
_chem_comp.name
_chem_comp.formula
GMQ non-polymer 6-~{tert}-butyl-8-fluoranyl-2-[2-(hydroxymethyl)-3-[1-methyl-5-[(5-morpholin-4-ylcarbonylpyridin-2-yl)amino]-6-oxidanylidene-pyridazin-3-yl]phenyl]phthalazin-1-one 'C34 H34 F N7 O5'
#
# COMPACT_ATOMS: atom_id res chain seq x y z
N GLU A 20 -15.75 18.36 -2.33
CA GLU A 20 -17.10 17.78 -2.19
C GLU A 20 -17.62 17.53 -3.57
N ILE A 21 -17.87 16.27 -3.88
CA ILE A 21 -18.51 15.89 -5.16
C ILE A 21 -19.99 15.78 -4.90
N ASP A 22 -20.78 16.22 -5.90
CA ASP A 22 -22.22 16.06 -5.81
C ASP A 22 -22.56 14.63 -6.23
N PRO A 23 -23.28 13.85 -5.42
CA PRO A 23 -23.58 12.46 -5.83
C PRO A 23 -24.54 12.43 -7.08
N LYS A 24 -25.21 13.51 -7.43
CA LYS A 24 -25.92 13.57 -8.67
C LYS A 24 -25.04 13.37 -9.87
N ASP A 25 -23.75 13.62 -9.74
CA ASP A 25 -22.83 13.47 -10.80
C ASP A 25 -22.13 12.12 -10.85
N LEU A 26 -22.59 11.14 -10.13
CA LEU A 26 -21.99 9.81 -10.14
C LEU A 26 -22.96 8.77 -10.70
N THR A 27 -22.41 7.72 -11.32
CA THR A 27 -23.15 6.48 -11.60
C THR A 27 -22.37 5.32 -11.02
N PHE A 28 -23.08 4.21 -10.83
CA PHE A 28 -22.58 3.05 -10.14
C PHE A 28 -22.78 1.89 -11.14
N LEU A 29 -21.67 1.40 -11.70
CA LEU A 29 -21.73 0.45 -12.85
C LEU A 29 -21.36 -1.03 -12.61
N LYS A 30 -20.29 -1.27 -11.86
CA LYS A 30 -19.77 -2.62 -11.59
C LYS A 30 -19.13 -2.68 -10.22
N GLU A 31 -19.27 -3.79 -9.50
CA GLU A 31 -18.59 -3.97 -8.22
C GLU A 31 -17.12 -4.30 -8.47
N LEU A 32 -16.21 -3.68 -7.71
CA LEU A 32 -14.77 -3.91 -7.77
C LEU A 32 -14.23 -4.63 -6.56
N GLY A 33 -15.13 -5.07 -5.72
CA GLY A 33 -14.66 -5.86 -4.56
C GLY A 33 -14.99 -5.15 -3.26
N THR A 34 -14.48 -5.71 -2.18
CA THR A 34 -14.75 -5.19 -0.83
C THR A 34 -13.41 -5.02 -0.12
N GLY A 35 -13.30 -3.91 0.62
CA GLY A 35 -12.15 -3.66 1.48
C GLY A 35 -12.61 -3.41 2.91
N GLN A 36 -11.71 -2.85 3.68
CA GLN A 36 -11.96 -2.67 5.12
C GLN A 36 -13.20 -1.83 5.39
N PHE A 37 -13.56 -0.89 4.50
CA PHE A 37 -14.72 -0.06 4.64
C PHE A 37 -15.90 -0.47 3.82
N GLY A 38 -15.90 -1.70 3.28
CA GLY A 38 -17.05 -2.21 2.52
C GLY A 38 -16.82 -2.18 1.03
N VAL A 39 -17.94 -2.00 0.32
CA VAL A 39 -17.92 -2.21 -1.15
C VAL A 39 -17.29 -1.03 -1.88
N VAL A 40 -16.66 -1.32 -3.01
CA VAL A 40 -16.09 -0.31 -3.90
C VAL A 40 -16.65 -0.60 -5.27
N LYS A 41 -17.11 0.43 -5.95
CA LYS A 41 -17.74 0.31 -7.27
C LYS A 41 -16.98 1.10 -8.28
N TYR A 42 -17.04 0.64 -9.55
CA TYR A 42 -16.66 1.40 -10.70
C TYR A 42 -17.84 2.18 -11.16
N GLY A 43 -17.61 3.40 -11.59
CA GLY A 43 -18.67 4.20 -12.20
C GLY A 43 -18.05 5.34 -12.94
N LYS A 44 -18.93 6.28 -13.34
CA LYS A 44 -18.50 7.43 -14.04
C LYS A 44 -18.84 8.69 -13.22
N TRP A 45 -18.01 9.71 -13.39
CA TRP A 45 -18.27 11.00 -12.79
C TRP A 45 -18.50 12.00 -13.94
N ARG A 46 -19.57 12.79 -13.86
CA ARG A 46 -19.96 13.81 -14.88
C ARG A 46 -20.30 13.18 -16.24
N GLY A 47 -20.59 11.89 -16.31
CA GLY A 47 -20.94 11.20 -17.56
C GLY A 47 -19.73 11.07 -18.43
N GLN A 48 -18.51 11.29 -17.90
CA GLN A 48 -17.35 11.29 -18.74
C GLN A 48 -16.13 10.53 -18.15
N TYR A 49 -15.85 10.65 -16.86
CA TYR A 49 -14.61 10.22 -16.25
C TYR A 49 -14.74 8.92 -15.47
N ASP A 50 -13.87 7.94 -15.73
CA ASP A 50 -13.85 6.74 -14.91
C ASP A 50 -13.45 7.00 -13.48
N VAL A 51 -14.17 6.43 -12.56
CA VAL A 51 -13.82 6.55 -11.15
C VAL A 51 -14.07 5.27 -10.42
N ALA A 52 -13.43 5.13 -9.23
CA ALA A 52 -13.82 4.15 -8.29
C ALA A 52 -14.49 4.86 -7.12
N ILE A 53 -15.51 4.26 -6.52
CA ILE A 53 -16.29 4.90 -5.49
C ILE A 53 -16.34 3.96 -4.32
N LYS A 54 -15.73 4.35 -3.19
CA LYS A 54 -15.90 3.58 -1.94
C LYS A 54 -17.15 3.95 -1.29
N MET A 55 -17.96 3.02 -0.96
CA MET A 55 -19.15 3.32 -0.26
C MET A 55 -18.92 2.85 1.19
N ILE A 56 -18.77 3.81 2.10
CA ILE A 56 -18.27 3.52 3.43
C ILE A 56 -19.33 2.89 4.30
N LYS A 57 -19.10 1.65 4.67
CA LYS A 57 -20.11 0.91 5.41
C LYS A 57 -20.29 1.53 6.79
N GLU A 58 -21.54 1.55 7.24
CA GLU A 58 -21.87 1.99 8.59
C GLU A 58 -21.11 1.26 9.69
N GLY A 59 -20.52 2.00 10.63
CA GLY A 59 -19.78 1.46 11.72
C GLY A 59 -18.32 1.15 11.41
N SER A 60 -17.88 1.29 10.14
CA SER A 60 -16.55 0.84 9.82
C SER A 60 -15.48 1.93 9.97
N MET A 61 -15.87 3.22 9.98
CA MET A 61 -14.93 4.31 9.86
C MET A 61 -15.23 5.33 10.94
N SER A 62 -14.19 5.99 11.44
CA SER A 62 -14.28 7.20 12.25
C SER A 62 -14.50 8.33 11.30
N GLU A 63 -15.79 8.55 11.02
CA GLU A 63 -16.19 9.38 9.92
C GLU A 63 -15.86 10.85 10.07
N ASP A 64 -16.15 11.42 11.23
CA ASP A 64 -15.85 12.84 11.40
C ASP A 64 -14.36 13.13 11.31
N GLU A 65 -13.52 12.28 11.90
CA GLU A 65 -12.07 12.44 11.79
C GLU A 65 -11.60 12.32 10.33
N PHE A 66 -12.17 11.35 9.61
CA PHE A 66 -11.78 11.20 8.22
C PHE A 66 -12.15 12.44 7.41
N ILE A 67 -13.35 12.97 7.66
CA ILE A 67 -13.85 14.11 6.88
C ILE A 67 -12.91 15.26 7.05
N GLU A 68 -12.42 15.49 8.30
CA GLU A 68 -11.48 16.56 8.50
C GLU A 68 -10.15 16.26 7.81
N GLU A 69 -9.70 15.01 7.86
CA GLU A 69 -8.41 14.67 7.21
C GLU A 69 -8.49 14.72 5.68
N ALA A 70 -9.67 14.47 5.12
CA ALA A 70 -9.83 14.44 3.64
C ALA A 70 -9.42 15.79 3.08
N LYS A 71 -9.55 16.85 3.86
CA LYS A 71 -9.13 18.18 3.45
C LYS A 71 -7.64 18.26 3.17
N VAL A 72 -6.81 17.54 3.95
CA VAL A 72 -5.35 17.50 3.81
C VAL A 72 -4.98 16.50 2.72
N MET A 73 -5.71 15.39 2.69
CA MET A 73 -5.50 14.39 1.68
C MET A 73 -5.80 14.88 0.24
N MET A 74 -6.69 15.87 0.10
CA MET A 74 -6.98 16.46 -1.21
C MET A 74 -5.72 17.12 -1.79
N ASN A 75 -4.77 17.50 -0.92
CA ASN A 75 -3.54 18.12 -1.36
C ASN A 75 -2.36 17.15 -1.63
N LEU A 76 -2.54 15.86 -1.34
CA LEU A 76 -1.50 14.87 -1.71
C LEU A 76 -1.74 14.51 -3.18
N SER A 77 -0.75 14.81 -4.03
CA SER A 77 -0.91 14.54 -5.45
C SER A 77 0.45 14.15 -6.02
N HIS A 78 0.54 12.96 -6.58
CA HIS A 78 1.77 12.52 -7.18
C HIS A 78 1.32 11.48 -8.26
N GLU A 79 2.10 11.40 -9.33
CA GLU A 79 1.69 10.45 -10.39
C GLU A 79 1.65 8.99 -9.95
N LYS A 80 2.36 8.61 -8.88
CA LYS A 80 2.37 7.21 -8.41
C LYS A 80 1.52 6.98 -7.14
N LEU A 81 0.71 8.00 -6.82
CA LEU A 81 -0.29 7.87 -5.73
C LEU A 81 -1.65 7.84 -6.35
N VAL A 82 -2.48 6.92 -5.96
CA VAL A 82 -3.86 6.94 -6.46
C VAL A 82 -4.48 8.33 -6.15
N GLN A 83 -5.04 8.96 -7.17
CA GLN A 83 -5.51 10.37 -7.02
C GLN A 83 -6.89 10.39 -6.40
N LEU A 84 -6.99 11.10 -5.28
CA LEU A 84 -8.30 11.41 -4.69
C LEU A 84 -8.99 12.50 -5.48
N TYR A 85 -10.22 12.22 -5.95
CA TYR A 85 -10.97 13.24 -6.68
C TYR A 85 -11.90 13.98 -5.75
N GLY A 86 -12.43 13.38 -4.72
CA GLY A 86 -13.31 14.09 -3.76
C GLY A 86 -14.06 13.15 -2.92
N VAL A 87 -14.98 13.64 -2.14
CA VAL A 87 -15.75 12.90 -1.21
C VAL A 87 -17.20 13.37 -1.27
N CYS A 88 -18.11 12.54 -0.80
CA CYS A 88 -19.51 12.91 -0.62
C CYS A 88 -19.80 12.73 0.80
N THR A 89 -20.00 13.82 1.52
CA THR A 89 -20.10 13.73 2.97
C THR A 89 -21.38 14.34 3.51
N LYS A 90 -22.26 14.83 2.63
CA LYS A 90 -23.54 15.41 3.06
C LYS A 90 -24.60 14.34 3.03
N GLN A 91 -24.24 13.11 3.40
CA GLN A 91 -25.13 11.94 3.25
C GLN A 91 -24.45 10.80 3.92
N ARG A 92 -25.18 9.71 4.08
CA ARG A 92 -24.59 8.43 4.47
C ARG A 92 -25.26 7.30 3.65
N PRO A 93 -24.45 6.33 3.18
CA PRO A 93 -22.99 6.29 3.48
C PRO A 93 -22.19 7.44 2.84
N ILE A 94 -21.03 7.76 3.44
CA ILE A 94 -20.08 8.66 2.75
C ILE A 94 -19.50 7.92 1.59
N PHE A 95 -19.11 8.68 0.59
CA PHE A 95 -18.39 8.13 -0.53
C PHE A 95 -17.00 8.72 -0.62
N ILE A 96 -16.05 7.91 -1.09
CA ILE A 96 -14.73 8.39 -1.40
C ILE A 96 -14.50 8.14 -2.91
N ILE A 97 -14.16 9.13 -3.68
CA ILE A 97 -14.08 9.01 -5.13
C ILE A 97 -12.66 9.17 -5.58
N THR A 98 -12.11 8.18 -6.29
CA THR A 98 -10.72 8.20 -6.71
C THR A 98 -10.59 7.87 -8.16
N GLU A 99 -9.35 8.09 -8.61
CA GLU A 99 -8.81 7.48 -9.78
C GLU A 99 -9.18 5.99 -9.91
N TYR A 100 -9.57 5.61 -11.11
CA TYR A 100 -9.88 4.19 -11.38
C TYR A 100 -8.62 3.54 -11.95
N MET A 101 -8.28 2.36 -11.41
CA MET A 101 -7.06 1.59 -11.75
C MET A 101 -7.52 0.29 -12.34
N ALA A 102 -7.45 0.19 -13.70
CA ALA A 102 -8.16 -0.87 -14.41
C ALA A 102 -7.71 -2.29 -14.08
N ASN A 103 -6.46 -2.48 -13.65
CA ASN A 103 -5.95 -3.82 -13.41
C ASN A 103 -6.00 -4.23 -11.95
N GLY A 104 -6.61 -3.41 -11.08
CA GLY A 104 -6.85 -3.90 -9.71
C GLY A 104 -5.62 -3.99 -8.84
N CYS A 105 -5.71 -4.75 -7.77
CA CYS A 105 -4.64 -4.73 -6.79
C CYS A 105 -3.40 -5.42 -7.28
N LEU A 106 -2.25 -4.89 -6.88
CA LEU A 106 -0.97 -5.47 -7.28
C LEU A 106 -0.83 -6.91 -6.84
N LEU A 107 -1.30 -7.24 -5.66
CA LEU A 107 -1.09 -8.61 -5.18
C LEU A 107 -1.67 -9.62 -6.18
N ASN A 108 -2.92 -9.44 -6.59
CA ASN A 108 -3.52 -10.38 -7.52
C ASN A 108 -2.85 -10.30 -8.88
N TYR A 109 -2.43 -9.14 -9.32
CA TYR A 109 -1.76 -8.98 -10.60
C TYR A 109 -0.46 -9.78 -10.63
N LEU A 110 0.33 -9.72 -9.55
CA LEU A 110 1.57 -10.43 -9.43
C LEU A 110 1.35 -11.93 -9.57
N ARG A 111 0.24 -12.44 -9.06
CA ARG A 111 -0.06 -13.85 -8.99
C ARG A 111 -0.55 -14.40 -10.32
N GLU A 112 -0.79 -13.60 -11.32
CA GLU A 112 -1.25 -14.16 -12.61
C GLU A 112 -0.04 -14.49 -13.47
N ALA A 113 0.17 -15.77 -13.68
CA ALA A 113 1.33 -16.23 -14.43
C ALA A 113 1.32 -15.78 -15.87
N ARG A 114 0.19 -15.47 -16.43
CA ARG A 114 0.18 -15.06 -17.84
C ARG A 114 1.01 -13.81 -18.07
N HIS A 115 1.18 -12.94 -17.06
CA HIS A 115 1.94 -11.73 -17.32
C HIS A 115 3.41 -12.03 -17.61
N ALA A 116 3.95 -13.11 -17.05
CA ALA A 116 5.29 -13.56 -17.43
C ALA A 116 6.29 -12.44 -17.38
N PHE A 117 6.33 -11.78 -16.22
CA PHE A 117 7.12 -10.59 -16.05
C PHE A 117 8.60 -10.82 -16.23
N GLN A 118 9.24 -9.85 -16.87
CA GLN A 118 10.72 -9.75 -16.85
C GLN A 118 11.16 -9.11 -15.54
N THR A 119 12.36 -9.37 -15.10
CA THR A 119 12.80 -8.76 -13.83
C THR A 119 12.90 -7.23 -13.92
N GLN A 120 13.12 -6.62 -15.09
CA GLN A 120 13.16 -5.16 -15.18
C GLN A 120 11.74 -4.65 -14.90
N GLN A 121 10.70 -5.38 -15.35
CA GLN A 121 9.35 -4.93 -15.02
C GLN A 121 9.09 -5.00 -13.50
N LEU A 122 9.59 -6.03 -12.83
CA LEU A 122 9.47 -6.10 -11.36
C LEU A 122 10.15 -4.95 -10.70
N LEU A 123 11.35 -4.59 -11.16
CA LEU A 123 12.08 -3.48 -10.53
C LEU A 123 11.32 -2.18 -10.80
N GLU A 124 10.71 -2.03 -11.99
CA GLU A 124 9.95 -0.80 -12.26
C GLU A 124 8.73 -0.72 -11.34
N MET A 125 8.08 -1.83 -10.96
CA MET A 125 6.98 -1.75 -10.02
C MET A 125 7.52 -1.24 -8.67
N CYS A 126 8.69 -1.73 -8.23
CA CYS A 126 9.32 -1.24 -6.98
C CYS A 126 9.60 0.22 -7.07
N LYS A 127 10.08 0.70 -8.21
CA LYS A 127 10.39 2.09 -8.41
C LYS A 127 9.11 2.97 -8.37
N ASP A 128 8.04 2.52 -9.01
CA ASP A 128 6.77 3.24 -8.94
C ASP A 128 6.37 3.50 -7.51
N VAL A 129 6.37 2.44 -6.71
CA VAL A 129 5.97 2.55 -5.30
C VAL A 129 6.97 3.42 -4.53
N CYS A 130 8.27 3.25 -4.81
CA CYS A 130 9.25 4.04 -4.10
C CYS A 130 9.09 5.52 -4.38
N GLU A 131 8.77 5.90 -5.59
CA GLU A 131 8.53 7.31 -5.93
C GLU A 131 7.37 7.85 -5.13
N ALA A 132 6.26 7.11 -5.09
CA ALA A 132 5.10 7.53 -4.27
C ALA A 132 5.48 7.70 -2.84
N MET A 133 6.23 6.75 -2.30
CA MET A 133 6.62 6.78 -0.88
C MET A 133 7.61 7.89 -0.58
N GLU A 134 8.52 8.19 -1.49
CA GLU A 134 9.41 9.34 -1.30
C GLU A 134 8.59 10.62 -1.23
N TYR A 135 7.57 10.75 -2.03
CA TYR A 135 6.67 11.93 -1.97
C TYR A 135 5.98 11.95 -0.65
N LEU A 136 5.36 10.86 -0.18
CA LEU A 136 4.74 10.87 1.16
C LEU A 136 5.74 11.21 2.24
N GLU A 137 6.94 10.64 2.19
CA GLU A 137 7.95 10.94 3.20
C GLU A 137 8.26 12.45 3.21
N SER A 138 8.35 13.06 2.05
CA SER A 138 8.63 14.51 1.92
C SER A 138 7.52 15.30 2.58
N LYS A 139 6.31 14.75 2.71
CA LYS A 139 5.19 15.39 3.35
C LYS A 139 5.05 14.92 4.77
N GLN A 140 5.96 14.14 5.28
CA GLN A 140 5.85 13.56 6.63
C GLN A 140 4.53 12.81 6.85
N PHE A 141 4.10 12.05 5.83
CA PHE A 141 2.82 11.38 5.84
C PHE A 141 3.03 9.87 5.84
N LEU A 142 2.69 9.17 6.88
CA LEU A 142 2.83 7.70 6.92
C LEU A 142 1.72 6.99 6.19
N HIS A 143 2.06 5.91 5.53
CA HIS A 143 1.02 5.02 5.00
C HIS A 143 0.43 4.17 6.11
N ARG A 144 1.27 3.42 6.78
CA ARG A 144 0.99 2.50 7.90
C ARG A 144 0.44 1.13 7.45
N ASP A 145 0.11 0.96 6.18
CA ASP A 145 -0.26 -0.38 5.71
C ASP A 145 0.20 -0.58 4.28
N LEU A 146 1.49 -0.34 4.03
CA LEU A 146 2.03 -0.53 2.68
C LEU A 146 2.24 -2.03 2.46
N ALA A 147 1.71 -2.53 1.35
CA ALA A 147 1.75 -3.98 1.04
C ALA A 147 1.20 -4.09 -0.39
N ALA A 148 1.45 -5.22 -1.06
CA ALA A 148 0.99 -5.34 -2.45
C ALA A 148 -0.54 -5.31 -2.52
N ARG A 149 -1.25 -5.77 -1.49
CA ARG A 149 -2.72 -5.70 -1.50
C ARG A 149 -3.19 -4.26 -1.51
N ASN A 150 -2.37 -3.33 -1.06
CA ASN A 150 -2.75 -1.91 -0.94
C ASN A 150 -2.02 -1.07 -1.96
N CYS A 151 -1.68 -1.68 -3.10
CA CYS A 151 -1.25 -0.96 -4.28
C CYS A 151 -2.14 -1.44 -5.45
N LEU A 152 -2.34 -0.54 -6.41
CA LEU A 152 -3.19 -0.82 -7.55
C LEU A 152 -2.39 -0.66 -8.85
N VAL A 153 -2.93 -1.24 -9.92
CA VAL A 153 -2.22 -1.23 -11.24
C VAL A 153 -3.17 -0.63 -12.27
N ASN A 154 -2.69 0.33 -13.02
CA ASN A 154 -3.56 0.94 -14.03
C ASN A 154 -3.50 0.21 -15.36
N ASP A 155 -4.20 0.77 -16.37
CA ASP A 155 -4.25 0.09 -17.70
C ASP A 155 -2.97 0.12 -18.42
N GLN A 156 -1.97 0.88 -17.99
CA GLN A 156 -0.65 0.93 -18.59
C GLN A 156 0.35 0.12 -17.81
N GLY A 157 -0.07 -0.57 -16.75
CA GLY A 157 0.82 -1.37 -15.97
C GLY A 157 1.57 -0.59 -14.91
N VAL A 158 1.24 0.68 -14.70
CA VAL A 158 1.87 1.48 -13.66
C VAL A 158 1.26 1.15 -12.32
N VAL A 159 2.12 0.97 -11.34
CA VAL A 159 1.69 0.70 -9.95
C VAL A 159 1.56 2.00 -9.21
N LYS A 160 0.48 2.17 -8.46
CA LYS A 160 0.28 3.33 -7.61
C LYS A 160 -0.11 2.88 -6.21
N VAL A 161 0.32 3.64 -5.24
CA VAL A 161 0.03 3.37 -3.84
C VAL A 161 -1.37 3.84 -3.48
N SER A 162 -2.14 2.99 -2.79
CA SER A 162 -3.54 3.27 -2.46
C SER A 162 -3.78 3.28 -0.96
N ASP A 163 -4.82 4.01 -0.54
CA ASP A 163 -5.35 3.87 0.84
C ASP A 163 -4.34 4.29 1.90
N PHE A 164 -3.43 5.15 1.52
CA PHE A 164 -2.41 5.74 2.40
C PHE A 164 -3.10 6.58 3.45
N GLY A 165 -2.74 6.34 4.71
CA GLY A 165 -3.26 7.10 5.85
C GLY A 165 -4.60 6.66 6.31
N LEU A 166 -5.33 5.82 5.60
CA LEU A 166 -6.69 5.53 5.99
C LEU A 166 -6.79 4.54 7.20
N SER A 167 -5.68 3.90 7.54
CA SER A 167 -5.68 2.98 8.70
C SER A 167 -6.08 3.75 9.97
N ARG A 168 -5.81 5.05 10.03
CA ARG A 168 -6.15 5.81 11.22
C ARG A 168 -7.62 5.91 11.51
N TYR A 169 -8.45 5.60 10.53
CA TYR A 169 -9.91 5.76 10.67
C TYR A 169 -10.63 4.48 10.78
N VAL A 170 -9.91 3.35 10.86
CA VAL A 170 -10.56 2.06 10.92
C VAL A 170 -11.07 1.77 12.35
N LEU A 171 -12.34 1.38 12.46
CA LEU A 171 -12.89 1.10 13.79
C LEU A 171 -12.71 -0.32 14.29
N ASP A 172 -12.44 -1.26 13.44
CA ASP A 172 -12.34 -2.69 13.73
C ASP A 172 -11.10 -3.00 14.55
N ASP A 173 -11.32 -3.45 15.78
CA ASP A 173 -10.22 -3.78 16.66
C ASP A 173 -9.33 -4.91 16.14
N GLU A 174 -9.91 -5.80 15.35
CA GLU A 174 -9.12 -6.89 14.80
C GLU A 174 -8.02 -6.36 13.84
N TYR A 175 -8.25 -5.17 13.27
CA TYR A 175 -7.26 -4.53 12.35
C TYR A 175 -6.30 -3.63 13.09
N THR A 176 -6.85 -2.89 14.03
CA THR A 176 -6.06 -1.84 14.70
C THR A 176 -5.17 -2.38 15.83
N SER A 177 -5.54 -3.48 16.46
CA SER A 177 -4.71 -4.08 17.47
C SER A 177 -3.51 -4.82 16.80
N SER A 178 -2.32 -4.63 17.38
CA SER A 178 -1.14 -5.34 16.84
C SER A 178 -1.21 -6.88 17.02
N VAL A 179 -2.13 -7.39 17.87
CA VAL A 179 -2.36 -8.86 17.88
C VAL A 179 -3.71 -9.28 17.34
N GLY A 180 -4.38 -8.33 16.71
CA GLY A 180 -5.55 -8.62 15.94
C GLY A 180 -5.36 -9.50 14.74
N SER A 181 -6.41 -10.18 14.29
CA SER A 181 -6.36 -11.05 13.13
C SER A 181 -6.15 -10.42 11.78
N LYS A 182 -6.37 -9.08 11.67
CA LYS A 182 -6.28 -8.36 10.46
C LYS A 182 -5.07 -7.38 10.47
N PHE A 183 -4.38 -7.29 11.60
CA PHE A 183 -3.23 -6.36 11.69
C PHE A 183 -2.15 -6.83 10.64
N PRO A 184 -1.46 -5.90 10.03
CA PRO A 184 -0.45 -6.32 9.00
C PRO A 184 0.87 -6.77 9.64
N VAL A 185 0.81 -7.82 10.41
CA VAL A 185 1.95 -8.32 11.13
C VAL A 185 3.18 -8.56 10.23
N ARG A 186 2.97 -9.23 9.09
CA ARG A 186 4.10 -9.64 8.25
C ARG A 186 4.74 -8.50 7.54
N TRP A 187 4.19 -7.29 7.61
CA TRP A 187 4.73 -6.10 7.00
C TRP A 187 5.27 -5.11 8.05
N SER A 188 5.28 -5.49 9.33
CA SER A 188 5.56 -4.57 10.41
C SER A 188 6.91 -4.86 11.06
N PRO A 189 7.66 -3.79 11.38
CA PRO A 189 8.96 -3.99 12.01
C PRO A 189 8.80 -4.37 13.49
N PRO A 190 9.85 -4.89 14.08
CA PRO A 190 9.77 -5.33 15.48
C PRO A 190 9.30 -4.25 16.43
N GLU A 191 9.71 -3.02 16.22
CA GLU A 191 9.39 -1.96 17.19
C GLU A 191 7.90 -1.65 17.11
N VAL A 192 7.23 -1.82 15.95
CA VAL A 192 5.78 -1.68 15.91
C VAL A 192 5.12 -2.78 16.64
N LEU A 193 5.50 -4.04 16.36
CA LEU A 193 4.85 -5.20 17.01
C LEU A 193 5.06 -5.16 18.51
N MET A 194 6.24 -4.81 18.99
CA MET A 194 6.54 -4.88 20.44
C MET A 194 6.05 -3.63 21.17
N TYR A 195 6.16 -2.46 20.58
CA TYR A 195 6.03 -1.17 21.30
C TYR A 195 5.12 -0.21 20.68
N SER A 196 4.50 -0.52 19.54
CA SER A 196 3.71 0.51 18.84
C SER A 196 4.49 1.70 18.46
N LYS A 197 5.75 1.53 18.06
CA LYS A 197 6.61 2.62 17.65
C LYS A 197 6.50 2.83 16.14
N PHE A 198 5.58 3.64 15.71
CA PHE A 198 5.38 3.96 14.26
C PHE A 198 6.23 5.10 13.92
N SER A 199 6.82 5.07 12.71
CA SER A 199 7.70 6.12 12.27
C SER A 199 7.72 6.00 10.63
N SER A 200 8.56 6.87 10.08
CA SER A 200 8.95 6.68 8.67
C SER A 200 9.61 5.30 8.44
N LYS A 201 10.38 4.91 9.49
CA LYS A 201 11.10 3.70 9.30
C LYS A 201 10.27 2.45 9.36
N SER A 202 8.99 2.58 9.86
CA SER A 202 8.15 1.47 9.81
C SER A 202 7.54 1.30 8.41
N ASP A 203 7.25 2.38 7.69
CA ASP A 203 6.90 2.24 6.28
C ASP A 203 8.10 1.70 5.46
N ILE A 204 9.32 2.06 5.81
CA ILE A 204 10.50 1.52 5.11
C ILE A 204 10.57 0.03 5.20
N TRP A 205 10.36 -0.52 6.42
CA TRP A 205 10.33 -2.00 6.61
C TRP A 205 9.30 -2.61 5.70
N ALA A 206 8.07 -2.05 5.73
CA ALA A 206 6.99 -2.60 4.89
C ALA A 206 7.38 -2.55 3.40
N PHE A 207 8.04 -1.48 2.97
CA PHE A 207 8.43 -1.40 1.56
C PHE A 207 9.38 -2.54 1.20
N GLY A 208 10.31 -2.89 2.10
CA GLY A 208 11.17 -4.03 1.83
C GLY A 208 10.34 -5.34 1.67
N VAL A 209 9.36 -5.54 2.52
CA VAL A 209 8.50 -6.69 2.40
C VAL A 209 7.74 -6.63 1.07
N LEU A 210 7.24 -5.48 0.67
CA LEU A 210 6.55 -5.33 -0.63
C LEU A 210 7.51 -5.68 -1.76
N MET A 211 8.78 -5.26 -1.73
CA MET A 211 9.70 -5.69 -2.81
C MET A 211 9.82 -7.19 -2.77
N TRP A 212 9.87 -7.82 -1.62
CA TRP A 212 9.89 -9.27 -1.54
C TRP A 212 8.65 -9.87 -2.21
N GLU A 213 7.47 -9.29 -1.92
CA GLU A 213 6.21 -9.79 -2.55
C GLU A 213 6.35 -9.69 -4.07
N ILE A 214 6.84 -8.60 -4.57
CA ILE A 214 6.94 -8.38 -6.03
C ILE A 214 7.88 -9.44 -6.62
N TYR A 215 9.07 -9.61 -6.07
CA TYR A 215 10.04 -10.55 -6.62
C TYR A 215 9.65 -11.98 -6.42
N SER A 216 8.75 -12.27 -5.49
CA SER A 216 8.21 -13.59 -5.28
C SER A 216 6.91 -13.83 -6.06
N LEU A 217 6.51 -12.90 -6.91
CA LEU A 217 5.27 -13.08 -7.65
C LEU A 217 4.09 -13.29 -6.72
N GLY A 218 4.05 -12.54 -5.63
CA GLY A 218 2.87 -12.51 -4.81
C GLY A 218 2.75 -13.57 -3.77
N LYS A 219 3.80 -14.31 -3.43
CA LYS A 219 3.74 -15.23 -2.31
C LYS A 219 3.44 -14.44 -1.03
N MET A 220 2.83 -15.12 -0.08
CA MET A 220 2.69 -14.59 1.31
C MET A 220 4.10 -14.52 2.02
N PRO A 221 4.48 -13.36 2.54
CA PRO A 221 5.76 -13.34 3.26
C PRO A 221 5.68 -14.31 4.44
N TYR A 222 6.77 -14.99 4.67
CA TYR A 222 6.88 -15.94 5.78
C TYR A 222 5.79 -17.04 5.58
N GLU A 223 5.83 -17.58 4.38
CA GLU A 223 4.72 -18.38 3.83
C GLU A 223 4.42 -19.62 4.63
N ARG A 224 5.35 -20.14 5.37
CA ARG A 224 5.08 -21.36 6.18
C ARG A 224 4.94 -21.07 7.66
N PHE A 225 4.83 -19.79 8.07
CA PHE A 225 4.65 -19.35 9.42
C PHE A 225 3.31 -18.68 9.66
N THR A 226 2.85 -18.74 10.92
CA THR A 226 1.72 -17.90 11.34
C THR A 226 2.19 -16.46 11.60
N ASN A 227 1.22 -15.58 11.82
CA ASN A 227 1.57 -14.20 12.28
C ASN A 227 2.36 -14.26 13.58
N SER A 228 1.91 -15.03 14.53
CA SER A 228 2.59 -15.09 15.80
C SER A 228 4.02 -15.64 15.64
N GLU A 229 4.26 -16.64 14.82
CA GLU A 229 5.58 -17.17 14.62
C GLU A 229 6.45 -16.12 13.87
N THR A 230 5.84 -15.38 12.92
CA THR A 230 6.59 -14.35 12.20
C THR A 230 7.15 -13.28 13.22
N ALA A 231 6.28 -12.85 14.09
CA ALA A 231 6.68 -11.79 15.04
C ALA A 231 7.87 -12.28 15.83
N GLU A 232 7.83 -13.54 16.28
CA GLU A 232 9.08 -14.18 16.94
C GLU A 232 10.32 -14.29 16.08
N HIS A 233 10.24 -14.78 14.87
CA HIS A 233 11.30 -15.01 13.87
C HIS A 233 11.99 -13.68 13.75
N ILE A 234 11.22 -12.62 13.51
CA ILE A 234 11.86 -11.35 13.16
C ILE A 234 12.46 -10.66 14.39
N ALA A 235 11.88 -10.87 15.59
CA ALA A 235 12.38 -10.21 16.82
C ALA A 235 13.70 -10.87 17.13
N GLN A 236 13.90 -12.12 16.76
CA GLN A 236 15.16 -12.84 16.81
C GLN A 236 16.18 -12.68 15.72
N GLY A 237 15.86 -11.82 14.76
CA GLY A 237 16.89 -11.37 13.80
C GLY A 237 16.85 -12.09 12.48
N LEU A 238 15.88 -12.95 12.35
CA LEU A 238 15.88 -13.68 11.08
C LEU A 238 14.97 -12.88 10.06
N ARG A 239 15.22 -13.13 8.76
CA ARG A 239 14.70 -12.30 7.68
C ARG A 239 14.26 -13.12 6.55
N LEU A 240 13.38 -12.57 5.74
CA LEU A 240 12.92 -13.23 4.52
C LEU A 240 14.12 -13.63 3.62
N TYR A 241 14.06 -14.80 3.02
CA TYR A 241 15.10 -15.26 2.08
C TYR A 241 14.98 -14.54 0.76
N ARG A 242 16.05 -14.55 -0.03
CA ARG A 242 16.08 -13.91 -1.33
C ARG A 242 15.17 -14.65 -2.31
N PRO A 243 14.19 -13.96 -2.89
CA PRO A 243 13.38 -14.65 -3.96
C PRO A 243 14.32 -15.00 -5.11
N HIS A 244 14.01 -16.12 -5.81
CA HIS A 244 14.84 -16.50 -6.95
C HIS A 244 15.04 -15.39 -7.98
N LEU A 245 13.99 -14.64 -8.29
CA LEU A 245 14.08 -13.60 -9.32
C LEU A 245 14.90 -12.41 -8.90
N ALA A 246 15.21 -12.24 -7.63
CA ALA A 246 15.98 -11.07 -7.16
C ALA A 246 17.49 -11.32 -7.29
N SER A 247 18.19 -10.40 -7.96
CA SER A 247 19.66 -10.43 -7.98
C SER A 247 20.18 -10.14 -6.57
N ALA A 248 21.49 -10.31 -6.38
CA ALA A 248 22.10 -9.92 -5.11
C ALA A 248 21.86 -8.45 -4.86
N ALA A 249 21.96 -7.60 -5.85
CA ALA A 249 21.80 -6.16 -5.66
C ALA A 249 20.37 -5.82 -5.23
N VAL A 250 19.38 -6.45 -5.85
CA VAL A 250 17.99 -6.22 -5.44
C VAL A 250 17.77 -6.74 -4.04
N TYR A 251 18.30 -7.92 -3.69
CA TYR A 251 18.15 -8.38 -2.33
C TYR A 251 18.80 -7.44 -1.32
N THR A 252 19.96 -6.88 -1.64
CA THR A 252 20.57 -5.92 -0.71
C THR A 252 19.62 -4.75 -0.44
N ILE A 253 18.95 -4.26 -1.47
CA ILE A 253 18.02 -3.13 -1.27
C ILE A 253 16.90 -3.54 -0.34
N MET A 254 16.20 -4.62 -0.62
CA MET A 254 15.06 -5.00 0.27
C MET A 254 15.56 -5.29 1.67
N TYR A 255 16.71 -5.96 1.76
CA TYR A 255 17.25 -6.36 3.05
C TYR A 255 17.64 -5.15 3.90
N SER A 256 18.07 -4.05 3.24
CA SER A 256 18.48 -2.87 3.96
C SER A 256 17.29 -2.23 4.70
N CYS A 257 16.08 -2.55 4.26
CA CYS A 257 14.83 -2.05 4.92
C CYS A 257 14.52 -2.74 6.25
N TRP A 258 15.26 -3.83 6.55
CA TRP A 258 14.90 -4.66 7.66
C TRP A 258 15.96 -4.55 8.79
N HIS A 259 16.74 -3.48 8.84
CA HIS A 259 17.74 -3.44 9.93
C HIS A 259 17.00 -3.40 11.24
N GLU A 260 17.55 -4.08 12.24
CA GLU A 260 16.92 -4.07 13.57
C GLU A 260 16.90 -2.66 14.12
N LYS A 261 17.87 -1.83 13.82
CA LYS A 261 17.85 -0.41 14.27
C LYS A 261 17.12 0.41 13.23
N ALA A 262 15.96 0.94 13.61
CA ALA A 262 15.20 1.75 12.67
C ALA A 262 16.01 2.83 12.08
N ASP A 263 16.83 3.49 12.90
CA ASP A 263 17.60 4.59 12.37
C ASP A 263 18.68 4.22 11.34
N GLU A 264 19.04 2.96 11.21
CA GLU A 264 19.98 2.50 10.24
C GLU A 264 19.28 2.09 8.92
N ARG A 265 17.93 2.05 8.88
CA ARG A 265 17.25 1.85 7.62
C ARG A 265 17.35 3.08 6.74
N PRO A 266 17.35 2.92 5.42
CA PRO A 266 17.40 4.06 4.50
C PRO A 266 16.13 4.87 4.57
N THR A 267 16.14 6.05 3.94
CA THR A 267 14.98 6.79 3.59
C THR A 267 14.46 6.33 2.24
N PHE A 268 13.28 6.76 1.85
CA PHE A 268 12.75 6.45 0.52
C PHE A 268 13.56 7.18 -0.55
N LYS A 269 14.12 8.37 -0.23
CA LYS A 269 15.00 9.04 -1.19
C LYS A 269 16.22 8.20 -1.46
N ILE A 270 16.86 7.65 -0.42
CA ILE A 270 17.97 6.80 -0.65
C ILE A 270 17.57 5.52 -1.42
N LEU A 271 16.47 4.89 -1.03
CA LEU A 271 16.00 3.70 -1.78
C LEU A 271 15.81 4.00 -3.25
N LEU A 272 15.26 5.13 -3.55
CA LEU A 272 14.98 5.45 -4.96
C LEU A 272 16.30 5.52 -5.72
N SER A 273 17.29 6.21 -5.13
CA SER A 273 18.60 6.25 -5.78
C SER A 273 19.20 4.85 -5.91
N ASN A 274 19.03 3.99 -4.90
CA ASN A 274 19.55 2.67 -5.01
C ASN A 274 18.89 1.88 -6.14
N ILE A 275 17.55 2.01 -6.26
CA ILE A 275 16.81 1.32 -7.29
C ILE A 275 17.24 1.79 -8.69
N LEU A 276 17.36 3.11 -8.84
CA LEU A 276 17.81 3.66 -10.15
C LEU A 276 19.20 3.11 -10.47
N ASP A 277 20.08 3.06 -9.50
CA ASP A 277 21.48 2.54 -9.77
C ASP A 277 21.39 1.11 -10.24
N VAL A 278 20.59 0.27 -9.56
CA VAL A 278 20.47 -1.12 -9.94
C VAL A 278 19.81 -1.26 -11.33
N MET A 279 18.83 -0.41 -11.64
CA MET A 279 18.24 -0.44 -12.95
C MET A 279 19.33 -0.19 -14.00
N ASP A 280 20.19 0.80 -13.76
CA ASP A 280 21.26 1.07 -14.70
C ASP A 280 22.24 -0.08 -14.79
N GLU A 281 22.52 -0.73 -13.67
CA GLU A 281 23.45 -1.86 -13.66
C GLU A 281 22.91 -3.04 -14.42
N GLU A 282 21.59 -3.27 -14.39
CA GLU A 282 20.95 -4.50 -14.86
C GLU A 282 20.28 -4.23 -16.17
C1 GMQ B . -9.72 0.66 -8.14
C2 GMQ B . -9.96 -0.75 -8.11
C3 GMQ B . -10.18 -1.39 -6.98
C4 GMQ B . -10.22 -0.65 -5.74
C9 GMQ B . -10.19 -2.59 -9.80
C10 GMQ B . -10.11 -2.86 -11.21
C11 GMQ B . -10.38 -4.16 -11.60
C12 GMQ B . -10.71 -5.12 -10.67
C13 GMQ B . -10.80 -4.73 -9.33
C15 GMQ B . -11.03 -6.49 -11.14
O8 GMQ B . -9.49 1.29 -9.14
C24 GMQ B . -10.52 -1.32 -4.49
C32 GMQ B . -9.20 -0.44 1.17
C33 GMQ B . -7.96 -1.07 1.27
C34 GMQ B . -7.48 -1.91 0.20
C36 GMQ B . -9.58 0.44 2.23
C37 GMQ B . -8.82 0.61 3.33
C38 GMQ B . -7.64 -0.09 3.48
C39 GMQ B . -7.17 -0.91 2.45
C44 GMQ B . -6.82 0.00 4.76
N5 GMQ B . -10.05 0.66 -5.73
N6 GMQ B . -9.77 1.30 -6.91
N7 GMQ B . -9.89 -1.31 -9.41
N14 GMQ B . -10.54 -3.50 -8.94
O16 GMQ B . -12.10 -6.96 -10.82
N17 GMQ B . -10.20 -7.14 -11.95
C18 GMQ B . -10.60 -8.51 -12.43
C19 GMQ B . -9.35 -9.37 -12.52
O20 GMQ B . -8.36 -8.70 -13.34
C21 GMQ B . -7.76 -7.64 -12.57
C22 GMQ B . -8.88 -6.60 -12.38
C23 GMQ B . -9.42 2.73 -6.81
C25 GMQ B . -11.56 -2.24 -4.48
C26 GMQ B . -11.89 -2.94 -3.34
C27 GMQ B . -11.15 -2.64 -2.19
C28 GMQ B . -10.17 -1.73 -2.22
C29 GMQ B . -9.76 -1.03 -3.32
N30 GMQ B . -9.50 -1.52 -0.96
C31 GMQ B . -10.05 -0.64 -0.05
N35 GMQ B . -8.22 -2.14 -0.86
C40 GMQ B . -8.58 -0.20 -3.24
O41 GMQ B . -8.86 1.01 -2.52
O42 GMQ B . -11.16 -0.12 -0.23
F43 GMQ B . -10.73 1.19 2.09
C45 GMQ B . -7.49 0.92 5.77
C46 GMQ B . -6.78 -1.42 5.40
C47 GMQ B . -5.39 0.42 4.45
#